data_3ELW
#
_entry.id   3ELW
#
_cell.length_a   48.885
_cell.length_b   70.066
_cell.length_c   91.396
_cell.angle_alpha   90.00
_cell.angle_beta   90.00
_cell.angle_gamma   90.00
#
_symmetry.space_group_name_H-M   'P 21 21 21'
#
loop_
_entity.id
_entity.type
_entity.pdbx_description
1 polymer Methyltransferase
2 non-polymer 'SULFATE ION'
3 non-polymer S-ADENOSYLMETHIONINE
4 non-polymer "DIGUANOSINE-5'-TRIPHOSPHATE"
5 water water
#
_entity_poly.entity_id   1
_entity_poly.type   'polypeptide(L)'
_entity_poly.pdbx_seq_one_letter_code
;MKHHHHHHGKAAGVTLGEVWKRQLNMLGKQEFERYKVSDITEVDRTAARRYLKEGRTDVGISVSRGAAKIRWLHERGYLR
ITGRVLDLGCGRGGWSYYAAAQKEVMSVKGYTLGIEGHEKPIHMQTLGWNIVKFKDKSNVFTMPTEPSDTLLCDIGESSS
NPLVERDRTMKVLENFERWKHVNTENFCVKVLAPYHPDVIEKLERLQLRFGGGIVRVPFSRNSTHEMYYISGARNNITHM
VNTTSRSLLRRMTRPSGKAIIEGDVFLPTGTRSVASEAGTIDHEALKLRVDQIKAEYSKT
;
_entity_poly.pdbx_strand_id   A
#
loop_
_chem_comp.id
_chem_comp.type
_chem_comp.name
_chem_comp.formula
GP3 non-polymer DIGUANOSINE-5'-TRIPHOSPHATE 'C20 H27 N10 O18 P3'
SAM non-polymer S-ADENOSYLMETHIONINE 'C15 H22 N6 O5 S'
SO4 non-polymer 'SULFATE ION' 'O4 S -2'
#
# COMPACT_ATOMS: atom_id res chain seq x y z
N VAL A 14 -22.20 -10.24 -8.47
CA VAL A 14 -23.27 -9.19 -8.34
C VAL A 14 -22.69 -7.79 -8.59
N THR A 15 -21.61 -7.45 -7.89
CA THR A 15 -20.92 -6.18 -8.14
C THR A 15 -20.06 -6.32 -9.41
N LEU A 16 -19.75 -5.19 -10.05
CA LEU A 16 -18.86 -5.19 -11.22
C LEU A 16 -17.46 -5.70 -10.86
N GLY A 17 -17.01 -5.42 -9.64
CA GLY A 17 -15.72 -5.90 -9.15
C GLY A 17 -15.70 -7.41 -9.11
N GLU A 18 -16.80 -8.00 -8.66
CA GLU A 18 -16.95 -9.45 -8.61
C GLU A 18 -16.95 -10.07 -10.01
N VAL A 19 -17.62 -9.40 -10.96
CA VAL A 19 -17.56 -9.78 -12.38
C VAL A 19 -16.13 -9.74 -12.89
N TRP A 20 -15.43 -8.64 -12.61
CA TRP A 20 -14.01 -8.49 -12.98
C TRP A 20 -13.15 -9.67 -12.48
N LYS A 21 -13.35 -10.05 -11.21
CA LYS A 21 -12.54 -11.09 -10.57
C LYS A 21 -12.78 -12.47 -11.21
N ARG A 22 -14.04 -12.76 -11.50
CA ARG A 22 -14.40 -14.00 -12.17
C ARG A 22 -13.76 -14.05 -13.55
N GLN A 23 -13.82 -12.92 -14.26
CA GLN A 23 -13.28 -12.83 -15.62
C GLN A 23 -11.75 -12.89 -15.69
N LEU A 24 -11.08 -12.35 -14.68
CA LEU A 24 -9.62 -12.43 -14.59
C LEU A 24 -9.13 -13.88 -14.58
N ASN A 25 -9.85 -14.75 -13.87
CA ASN A 25 -9.49 -16.18 -13.78
C ASN A 25 -9.71 -16.95 -15.08
N MET A 26 -10.51 -16.38 -15.98
CA MET A 26 -10.84 -17.02 -17.26
C MET A 26 -9.76 -16.79 -18.31
N LEU A 27 -8.84 -15.88 -18.01
CA LEU A 27 -7.80 -15.48 -18.96
C LEU A 27 -6.65 -16.50 -19.05
N GLY A 28 -6.38 -16.94 -20.27
CA GLY A 28 -5.20 -17.78 -20.55
C GLY A 28 -3.92 -17.01 -20.25
N LYS A 29 -2.80 -17.73 -20.29
CA LYS A 29 -1.50 -17.18 -19.88
C LYS A 29 -1.11 -15.89 -20.60
N GLN A 30 -1.15 -15.91 -21.93
CA GLN A 30 -0.77 -14.75 -22.73
C GLN A 30 -1.72 -13.56 -22.53
N GLU A 31 -3.02 -13.84 -22.49
CA GLU A 31 -4.03 -12.81 -22.23
C GLU A 31 -3.87 -12.20 -20.84
N PHE A 32 -3.59 -13.02 -19.84
CA PHE A 32 -3.37 -12.54 -18.47
C PHE A 32 -2.13 -11.64 -18.37
N GLU A 33 -1.02 -12.10 -18.96
CA GLU A 33 0.25 -11.38 -18.91
C GLU A 33 0.16 -10.02 -19.60
N ARG A 34 -0.52 -10.00 -20.76
CA ARG A 34 -0.77 -8.77 -21.51
C ARG A 34 -1.70 -7.85 -20.73
N TYR A 35 -2.73 -8.43 -20.11
CA TYR A 35 -3.72 -7.65 -19.38
C TYR A 35 -3.13 -6.94 -18.15
N LYS A 36 -2.40 -7.68 -17.33
CA LYS A 36 -2.01 -7.17 -16.01
C LYS A 36 -1.20 -5.87 -16.04
N VAL A 37 -0.47 -5.63 -17.13
CA VAL A 37 0.37 -4.43 -17.29
C VAL A 37 -0.27 -3.35 -18.18
N SER A 38 -1.45 -3.63 -18.74
CA SER A 38 -2.11 -2.70 -19.67
C SER A 38 -2.47 -1.34 -19.06
N ASP A 39 -1.80 -0.30 -19.54
CA ASP A 39 -2.04 1.10 -19.13
C ASP A 39 -1.70 1.42 -17.68
N ILE A 40 -1.07 0.48 -16.97
CA ILE A 40 -0.61 0.75 -15.60
C ILE A 40 0.67 1.59 -15.62
N THR A 41 1.00 2.18 -14.47
CA THR A 41 2.27 2.87 -14.30
C THR A 41 3.24 1.92 -13.57
N GLU A 42 4.49 1.90 -14.02
CA GLU A 42 5.54 1.12 -13.36
C GLU A 42 6.76 2.01 -13.10
N VAL A 43 7.37 1.87 -11.93
CA VAL A 43 8.67 2.49 -11.71
C VAL A 43 9.78 1.63 -12.32
N ASP A 44 10.79 2.29 -12.87
CA ASP A 44 11.96 1.61 -13.42
C ASP A 44 12.86 1.19 -12.27
N ARG A 45 12.88 -0.12 -11.99
CA ARG A 45 13.58 -0.66 -10.82
C ARG A 45 15.02 -1.10 -11.11
N THR A 46 15.53 -0.77 -12.30
CA THR A 46 16.85 -1.28 -12.73
C THR A 46 17.99 -0.91 -11.77
N ALA A 47 18.15 0.38 -11.51
CA ALA A 47 19.18 0.90 -10.61
C ALA A 47 19.10 0.27 -9.21
N ALA A 48 17.91 0.31 -8.61
CA ALA A 48 17.67 -0.26 -7.29
C ALA A 48 18.01 -1.76 -7.22
N ARG A 49 17.52 -2.53 -8.19
CA ARG A 49 17.83 -3.96 -8.25
C ARG A 49 19.32 -4.24 -8.36
N ARG A 50 20.03 -3.42 -9.13
CA ARG A 50 21.49 -3.53 -9.29
C ARG A 50 22.24 -3.37 -7.96
N TYR A 51 21.92 -2.30 -7.22
CA TYR A 51 22.60 -2.01 -5.96
C TYR A 51 22.19 -2.93 -4.83
N LEU A 52 20.94 -3.39 -4.85
CA LEU A 52 20.46 -4.40 -3.92
C LEU A 52 21.19 -5.74 -4.11
N LYS A 53 21.33 -6.15 -5.37
CA LYS A 53 22.10 -7.34 -5.73
C LYS A 53 23.55 -7.20 -5.28
N GLU A 54 24.10 -6.00 -5.50
CA GLU A 54 25.49 -5.69 -5.13
C GLU A 54 25.67 -5.63 -3.61
N GLY A 55 24.58 -5.31 -2.89
CA GLY A 55 24.59 -5.25 -1.44
C GLY A 55 25.01 -3.91 -0.87
N ARG A 56 24.93 -2.86 -1.69
CA ARG A 56 25.28 -1.52 -1.26
C ARG A 56 24.22 -0.93 -0.32
N THR A 57 24.68 -0.16 0.67
CA THR A 57 23.79 0.55 1.58
C THR A 57 24.04 2.06 1.54
N ASP A 58 24.84 2.52 0.58
CA ASP A 58 25.21 3.94 0.50
C ASP A 58 24.58 4.69 -0.68
N VAL A 59 23.80 3.98 -1.47
CA VAL A 59 23.00 4.59 -2.53
C VAL A 59 21.55 4.78 -2.09
N GLY A 60 21.02 5.96 -2.36
CA GLY A 60 19.66 6.32 -1.92
C GLY A 60 18.54 5.70 -2.74
N ILE A 61 18.53 4.37 -2.79
CA ILE A 61 17.50 3.61 -3.50
C ILE A 61 16.38 3.22 -2.54
N SER A 62 15.22 2.87 -3.09
CA SER A 62 14.12 2.28 -2.31
C SER A 62 14.26 0.76 -2.27
N VAL A 63 13.97 0.15 -1.12
CA VAL A 63 14.15 -1.30 -0.97
C VAL A 63 13.06 -2.13 -1.68
N SER A 64 11.96 -1.48 -2.05
CA SER A 64 10.86 -2.17 -2.71
C SER A 64 10.13 -1.32 -3.74
N ARG A 65 9.44 -2.00 -4.65
CA ARG A 65 8.56 -1.36 -5.63
C ARG A 65 7.39 -0.67 -4.94
N GLY A 66 7.05 -1.16 -3.74
CA GLY A 66 5.93 -0.61 -2.97
C GLY A 66 6.07 0.86 -2.58
N ALA A 67 7.30 1.35 -2.51
CA ALA A 67 7.55 2.75 -2.19
C ALA A 67 6.90 3.69 -3.23
N ALA A 68 6.79 3.22 -4.47
CA ALA A 68 6.15 4.02 -5.52
C ALA A 68 4.68 4.37 -5.18
N LYS A 69 3.99 3.45 -4.50
CA LYS A 69 2.59 3.64 -4.13
C LYS A 69 2.44 4.75 -3.09
N ILE A 70 3.24 4.71 -2.04
N ILE A 70 3.26 4.72 -2.05
CA ILE A 70 3.16 5.74 -0.99
CA ILE A 70 3.19 5.72 -1.00
C ILE A 70 3.65 7.12 -1.50
C ILE A 70 3.68 7.11 -1.46
N ARG A 71 4.65 7.14 -2.37
CA ARG A 71 5.11 8.40 -2.96
C ARG A 71 3.96 9.04 -3.72
N TRP A 72 3.27 8.26 -4.55
CA TRP A 72 2.11 8.74 -5.29
C TRP A 72 1.01 9.27 -4.37
N LEU A 73 0.63 8.47 -3.37
CA LEU A 73 -0.40 8.87 -2.41
C LEU A 73 -0.06 10.16 -1.67
N HIS A 74 1.19 10.26 -1.24
CA HIS A 74 1.72 11.44 -0.54
C HIS A 74 1.78 12.66 -1.48
N GLU A 75 2.43 12.51 -2.63
CA GLU A 75 2.61 13.64 -3.55
C GLU A 75 1.31 14.15 -4.15
N ARG A 76 0.34 13.25 -4.38
CA ARG A 76 -0.98 13.64 -4.90
C ARG A 76 -1.93 14.13 -3.81
N GLY A 77 -1.46 14.17 -2.56
CA GLY A 77 -2.22 14.77 -1.46
C GLY A 77 -3.30 13.93 -0.80
N TYR A 78 -3.23 12.62 -1.00
CA TYR A 78 -4.19 11.71 -0.36
C TYR A 78 -3.85 11.42 1.10
N LEU A 79 -2.58 11.66 1.48
N LEU A 79 -2.67 11.82 1.51
CA LEU A 79 -1.99 11.28 2.81
CA LEU A 79 -2.45 11.90 2.92
C LEU A 79 -0.94 12.31 3.32
C LEU A 79 -1.24 12.72 3.24
N ARG A 80 -1.12 12.87 4.54
CA ARG A 80 -0.06 13.61 5.19
C ARG A 80 0.76 12.56 5.95
N ILE A 81 2.08 12.68 5.91
CA ILE A 81 2.96 11.78 6.67
C ILE A 81 3.72 12.63 7.68
N THR A 82 3.38 12.44 8.96
N THR A 82 3.36 12.46 8.95
CA THR A 82 3.87 13.31 10.03
CA THR A 82 3.91 13.29 10.03
C THR A 82 4.00 12.59 11.36
C THR A 82 4.06 12.55 11.35
N GLY A 83 4.85 13.15 12.23
CA GLY A 83 4.97 12.72 13.62
C GLY A 83 5.52 11.34 13.78
N ARG A 84 4.89 10.58 14.66
CA ARG A 84 5.26 9.20 14.90
C ARG A 84 4.49 8.32 13.93
N VAL A 85 5.23 7.65 13.06
CA VAL A 85 4.66 6.83 11.98
C VAL A 85 4.73 5.35 12.35
N LEU A 86 3.61 4.65 12.16
CA LEU A 86 3.56 3.20 12.29
C LEU A 86 3.37 2.59 10.93
N ASP A 87 4.20 1.60 10.60
CA ASP A 87 4.11 0.90 9.33
C ASP A 87 3.80 -0.57 9.62
N LEU A 88 2.51 -0.92 9.54
CA LEU A 88 2.07 -2.27 9.87
C LEU A 88 2.15 -3.16 8.62
N GLY A 89 2.88 -4.27 8.73
CA GLY A 89 3.19 -5.11 7.57
C GLY A 89 4.21 -4.44 6.67
N CYS A 90 5.33 -4.03 7.26
CA CYS A 90 6.33 -3.22 6.57
C CYS A 90 7.13 -3.99 5.51
N GLY A 91 7.18 -5.31 5.64
CA GLY A 91 7.95 -6.16 4.73
C GLY A 91 9.40 -5.69 4.67
N ARG A 92 9.89 -5.50 3.45
CA ARG A 92 11.26 -5.00 3.22
C ARG A 92 11.48 -3.61 3.81
N GLY A 93 10.43 -2.78 3.82
CA GLY A 93 10.50 -1.47 4.46
C GLY A 93 10.42 -0.26 3.53
N GLY A 94 9.93 -0.48 2.31
CA GLY A 94 9.78 0.59 1.30
C GLY A 94 8.99 1.80 1.76
N TRP A 95 7.90 1.56 2.49
CA TRP A 95 7.09 2.64 3.04
C TRP A 95 7.75 3.29 4.26
N SER A 96 8.48 2.48 5.04
CA SER A 96 9.12 2.95 6.27
C SER A 96 10.27 3.93 5.97
N TYR A 97 11.11 3.57 5.01
CA TYR A 97 12.20 4.46 4.59
C TYR A 97 11.69 5.72 3.87
N TYR A 98 10.62 5.57 3.09
CA TYR A 98 9.99 6.72 2.45
C TYR A 98 9.55 7.73 3.52
N ALA A 99 8.81 7.23 4.50
CA ALA A 99 8.30 8.06 5.59
C ALA A 99 9.44 8.74 6.36
N ALA A 100 10.48 7.97 6.69
CA ALA A 100 11.60 8.47 7.48
C ALA A 100 12.32 9.67 6.87
N ALA A 101 12.29 9.78 5.54
CA ALA A 101 12.95 10.87 4.82
C ALA A 101 12.09 12.14 4.73
N GLN A 102 10.84 12.07 5.16
CA GLN A 102 9.91 13.21 5.03
C GLN A 102 10.03 14.22 6.16
N LYS A 103 9.87 15.49 5.80
CA LYS A 103 10.16 16.65 6.65
C LYS A 103 9.53 16.62 8.04
N GLU A 104 8.25 16.28 8.09
CA GLU A 104 7.47 16.41 9.32
C GLU A 104 7.48 15.13 10.18
N VAL A 105 8.21 14.11 9.73
CA VAL A 105 8.26 12.84 10.44
C VAL A 105 9.30 12.86 11.57
N MET A 106 8.91 12.36 12.74
N MET A 106 8.89 12.38 12.74
CA MET A 106 9.76 12.35 13.93
CA MET A 106 9.73 12.35 13.94
C MET A 106 10.35 10.98 14.25
C MET A 106 10.38 10.98 14.17
N SER A 107 9.62 9.92 13.87
CA SER A 107 10.10 8.55 14.02
C SER A 107 9.19 7.59 13.26
N VAL A 108 9.73 6.42 12.95
CA VAL A 108 9.02 5.41 12.20
C VAL A 108 9.26 4.07 12.88
N LYS A 109 8.17 3.35 13.14
CA LYS A 109 8.23 2.01 13.69
C LYS A 109 7.56 1.07 12.70
N GLY A 110 8.34 0.11 12.19
CA GLY A 110 7.82 -0.86 11.22
C GLY A 110 7.73 -2.26 11.82
N TYR A 111 6.56 -2.87 11.72
CA TYR A 111 6.33 -4.25 12.19
C TYR A 111 6.00 -5.17 11.04
N THR A 112 6.57 -6.38 11.05
CA THR A 112 6.31 -7.38 10.00
C THR A 112 6.58 -8.79 10.52
N LEU A 113 6.02 -9.79 9.83
CA LEU A 113 6.22 -11.19 10.22
C LEU A 113 7.67 -11.62 9.98
N GLY A 114 8.13 -11.50 8.73
CA GLY A 114 9.52 -11.78 8.38
C GLY A 114 9.95 -13.20 8.68
N ILE A 115 8.98 -14.11 8.65
CA ILE A 115 9.24 -15.52 8.96
C ILE A 115 8.52 -16.38 7.92
N GLU A 116 9.02 -17.61 7.73
CA GLU A 116 8.34 -18.63 6.92
C GLU A 116 8.01 -18.15 5.49
N GLY A 117 8.99 -17.54 4.84
CA GLY A 117 8.82 -17.09 3.45
C GLY A 117 8.42 -15.63 3.26
N HIS A 118 7.98 -14.99 4.35
CA HIS A 118 7.59 -13.57 4.32
C HIS A 118 8.83 -12.67 4.34
N GLU A 119 8.74 -11.54 3.64
CA GLU A 119 9.89 -10.64 3.49
C GLU A 119 10.38 -10.03 4.79
N LYS A 120 11.71 -10.01 4.97
CA LYS A 120 12.35 -9.38 6.12
C LYS A 120 12.73 -7.95 5.80
N PRO A 121 12.75 -7.06 6.81
CA PRO A 121 13.22 -5.70 6.59
C PRO A 121 14.65 -5.67 6.03
N ILE A 122 14.89 -4.78 5.07
CA ILE A 122 16.20 -4.65 4.45
C ILE A 122 16.86 -3.40 5.02
N HIS A 123 18.10 -3.53 5.51
N HIS A 123 18.10 -3.56 5.49
CA HIS A 123 18.79 -2.39 6.12
CA HIS A 123 18.92 -2.47 6.02
C HIS A 123 19.41 -1.47 5.07
C HIS A 123 19.27 -1.49 4.90
N MET A 124 19.00 -0.20 5.12
CA MET A 124 19.40 0.83 4.16
C MET A 124 19.73 2.11 4.92
N GLN A 125 20.42 3.04 4.26
CA GLN A 125 20.88 4.24 4.93
C GLN A 125 20.39 5.52 4.25
N THR A 126 19.18 5.45 3.71
CA THR A 126 18.52 6.62 3.17
C THR A 126 18.14 7.57 4.31
N LEU A 127 17.83 8.81 3.95
CA LEU A 127 17.63 9.88 4.93
C LEU A 127 16.69 9.46 6.06
N GLY A 128 17.15 9.63 7.29
CA GLY A 128 16.36 9.31 8.47
C GLY A 128 16.36 7.84 8.87
N TRP A 129 17.32 7.06 8.36
CA TRP A 129 17.41 5.64 8.71
C TRP A 129 17.57 5.45 10.22
N ASN A 130 18.18 6.44 10.85
CA ASN A 130 18.44 6.42 12.29
C ASN A 130 17.17 6.61 13.14
N ILE A 131 16.09 7.08 12.52
CA ILE A 131 14.82 7.26 13.24
C ILE A 131 13.81 6.13 12.93
N VAL A 132 14.27 5.12 12.19
CA VAL A 132 13.48 3.93 11.88
C VAL A 132 13.85 2.79 12.83
N LYS A 133 12.84 2.17 13.42
CA LYS A 133 13.03 0.91 14.15
C LYS A 133 12.14 -0.16 13.54
N PHE A 134 12.75 -1.28 13.15
CA PHE A 134 12.02 -2.42 12.62
C PHE A 134 11.93 -3.53 13.68
N LYS A 135 10.78 -4.20 13.73
CA LYS A 135 10.66 -5.46 14.49
C LYS A 135 10.03 -6.53 13.62
N ASP A 136 10.76 -7.62 13.38
CA ASP A 136 10.18 -8.79 12.71
C ASP A 136 9.54 -9.71 13.76
N LYS A 137 9.09 -10.89 13.32
CA LYS A 137 8.37 -11.84 14.18
C LYS A 137 7.22 -11.16 14.91
N SER A 138 6.59 -10.22 14.22
CA SER A 138 5.54 -9.40 14.81
C SER A 138 4.24 -9.54 14.02
N ASN A 139 3.25 -10.17 14.63
CA ASN A 139 1.94 -10.30 14.02
C ASN A 139 1.08 -9.13 14.48
N VAL A 140 0.80 -8.21 13.56
CA VAL A 140 0.07 -6.99 13.91
C VAL A 140 -1.41 -7.25 14.25
N PHE A 141 -1.91 -8.42 13.88
CA PHE A 141 -3.29 -8.81 14.19
C PHE A 141 -3.46 -9.23 15.66
N THR A 142 -2.38 -9.66 16.29
CA THR A 142 -2.47 -10.20 17.66
C THR A 142 -1.67 -9.42 18.71
N MET A 143 -0.66 -8.68 18.26
CA MET A 143 0.19 -7.90 19.16
C MET A 143 -0.54 -6.68 19.75
N PRO A 144 -0.03 -6.15 20.89
CA PRO A 144 -0.62 -4.95 21.49
C PRO A 144 -0.44 -3.73 20.59
N THR A 145 -1.40 -2.81 20.67
CA THR A 145 -1.38 -1.58 19.87
C THR A 145 -0.53 -0.52 20.56
N GLU A 146 -0.36 0.63 19.88
CA GLU A 146 0.36 1.77 20.43
C GLU A 146 -0.07 3.03 19.66
N PRO A 147 0.11 4.23 20.27
CA PRO A 147 -0.29 5.45 19.56
C PRO A 147 0.60 5.76 18.35
N SER A 148 0.03 6.47 17.37
CA SER A 148 0.75 6.94 16.18
C SER A 148 0.02 8.15 15.64
N ASP A 149 0.76 9.07 15.02
CA ASP A 149 0.18 10.24 14.37
C ASP A 149 -0.20 9.91 12.92
N THR A 150 0.57 8.99 12.34
CA THR A 150 0.34 8.49 11.00
C THR A 150 0.38 6.97 11.05
N LEU A 151 -0.73 6.34 10.67
CA LEU A 151 -0.84 4.89 10.69
C LEU A 151 -0.91 4.31 9.27
N LEU A 152 0.12 3.57 8.89
CA LEU A 152 0.20 2.95 7.57
C LEU A 152 0.02 1.43 7.71
N CYS A 153 -0.67 0.84 6.74
CA CYS A 153 -0.83 -0.61 6.72
C CYS A 153 -0.98 -1.08 5.30
N ASP A 154 0.00 -1.73 4.80
CA ASP A 154 -0.01 -2.18 3.43
C ASP A 154 -0.24 -3.68 3.26
N ILE A 155 -1.14 -4.35 4.02
CA ILE A 155 -1.35 -5.80 4.12
C ILE A 155 -2.58 -6.22 3.32
N GLY A 156 -2.45 -7.34 2.60
CA GLY A 156 -3.54 -7.88 1.82
C GLY A 156 -2.97 -8.83 0.79
N GLU A 157 -2.91 -10.11 1.15
CA GLU A 157 -2.37 -11.13 0.27
C GLU A 157 -3.43 -11.60 -0.72
N SER A 158 -3.11 -11.51 -2.01
CA SER A 158 -4.00 -11.92 -3.08
C SER A 158 -4.38 -13.40 -2.97
N SER A 159 -5.59 -13.71 -3.41
CA SER A 159 -6.08 -15.07 -3.56
C SER A 159 -7.03 -15.09 -4.74
N SER A 160 -7.02 -16.19 -5.49
CA SER A 160 -7.98 -16.34 -6.59
C SER A 160 -9.39 -16.59 -6.06
N ASN A 161 -9.49 -16.94 -4.78
CA ASN A 161 -10.78 -17.10 -4.13
C ASN A 161 -11.28 -15.76 -3.56
N PRO A 162 -12.37 -15.21 -4.14
CA PRO A 162 -12.87 -13.89 -3.73
C PRO A 162 -13.31 -13.83 -2.26
N LEU A 163 -13.79 -14.95 -1.73
CA LEU A 163 -14.16 -15.05 -0.31
C LEU A 163 -12.96 -14.97 0.65
N VAL A 164 -11.83 -15.53 0.22
CA VAL A 164 -10.58 -15.42 0.98
C VAL A 164 -10.09 -13.96 0.98
N GLU A 165 -10.17 -13.30 -0.18
CA GLU A 165 -9.78 -11.89 -0.29
C GLU A 165 -10.67 -10.99 0.59
N ARG A 166 -11.98 -11.27 0.59
CA ARG A 166 -12.92 -10.55 1.46
C ARG A 166 -12.53 -10.71 2.93
N ASP A 167 -12.31 -11.94 3.37
CA ASP A 167 -11.93 -12.25 4.75
C ASP A 167 -10.63 -11.55 5.14
N ARG A 168 -9.63 -11.65 4.26
CA ARG A 168 -8.34 -10.99 4.50
C ARG A 168 -8.49 -9.47 4.59
N THR A 169 -9.34 -8.91 3.73
CA THR A 169 -9.59 -7.46 3.71
C THR A 169 -10.27 -7.00 5.01
N MET A 170 -11.28 -7.76 5.45
CA MET A 170 -12.03 -7.45 6.67
C MET A 170 -11.14 -7.50 7.91
N LYS A 171 -10.27 -8.51 7.96
CA LYS A 171 -9.32 -8.62 9.07
C LYS A 171 -8.40 -7.40 9.14
N VAL A 172 -7.95 -6.93 7.98
CA VAL A 172 -7.08 -5.76 7.91
C VAL A 172 -7.81 -4.49 8.37
N LEU A 173 -9.06 -4.32 7.91
CA LEU A 173 -9.86 -3.16 8.31
C LEU A 173 -10.23 -3.19 9.79
N GLU A 174 -10.55 -4.37 10.31
CA GLU A 174 -10.82 -4.54 11.75
C GLU A 174 -9.57 -4.25 12.59
N ASN A 175 -8.43 -4.76 12.16
CA ASN A 175 -7.17 -4.49 12.87
C ASN A 175 -6.77 -3.01 12.79
N PHE A 176 -7.05 -2.37 11.66
CA PHE A 176 -6.82 -0.92 11.54
C PHE A 176 -7.60 -0.16 12.61
N GLU A 177 -8.89 -0.44 12.77
CA GLU A 177 -9.70 0.22 13.80
C GLU A 177 -9.16 -0.09 15.21
N ARG A 178 -8.65 -1.31 15.41
CA ARG A 178 -8.03 -1.70 16.68
C ARG A 178 -6.80 -0.84 17.00
N TRP A 179 -5.97 -0.57 16.00
CA TRP A 179 -4.72 0.17 16.20
C TRP A 179 -4.91 1.68 16.22
N LYS A 180 -5.91 2.17 15.48
CA LYS A 180 -6.13 3.61 15.37
C LYS A 180 -6.45 4.25 16.71
N HIS A 181 -5.63 5.24 17.08
CA HIS A 181 -5.80 5.99 18.33
C HIS A 181 -6.42 7.35 18.03
N VAL A 182 -6.82 8.08 19.08
CA VAL A 182 -7.40 9.43 18.91
C VAL A 182 -6.47 10.43 18.24
N ASN A 183 -5.16 10.27 18.43
CA ASN A 183 -4.19 11.18 17.80
C ASN A 183 -3.80 10.77 16.37
N THR A 184 -4.35 9.65 15.90
CA THR A 184 -4.04 9.16 14.55
C THR A 184 -4.87 9.91 13.52
N GLU A 185 -4.41 11.08 13.14
CA GLU A 185 -5.15 11.93 12.18
C GLU A 185 -4.86 11.54 10.73
N ASN A 186 -3.76 10.83 10.51
CA ASN A 186 -3.32 10.45 9.17
C ASN A 186 -3.22 8.95 9.02
N PHE A 187 -3.71 8.42 7.90
CA PHE A 187 -3.70 6.98 7.70
C PHE A 187 -3.77 6.57 6.25
N CYS A 188 -3.31 5.35 5.99
CA CYS A 188 -3.32 4.78 4.65
C CYS A 188 -3.33 3.27 4.83
N VAL A 189 -4.45 2.65 4.46
CA VAL A 189 -4.63 1.22 4.68
C VAL A 189 -4.98 0.54 3.36
N LYS A 190 -4.25 -0.52 3.02
CA LYS A 190 -4.58 -1.34 1.86
C LYS A 190 -5.96 -1.98 2.03
N VAL A 191 -6.81 -1.84 1.00
CA VAL A 191 -8.08 -2.54 0.93
C VAL A 191 -7.99 -3.51 -0.24
N LEU A 192 -7.62 -4.75 0.05
CA LEU A 192 -7.35 -5.75 -0.99
C LEU A 192 -8.51 -5.97 -1.96
N ALA A 193 -9.70 -6.20 -1.41
CA ALA A 193 -10.89 -6.50 -2.24
C ALA A 193 -12.05 -5.57 -1.86
N PRO A 194 -12.01 -4.30 -2.35
CA PRO A 194 -12.95 -3.26 -1.93
C PRO A 194 -14.37 -3.42 -2.45
N TYR A 195 -14.54 -4.23 -3.48
CA TYR A 195 -15.85 -4.37 -4.14
C TYR A 195 -16.86 -5.21 -3.36
N HIS A 196 -16.37 -6.12 -2.52
CA HIS A 196 -17.23 -6.97 -1.70
CA HIS A 196 -17.25 -6.97 -1.74
C HIS A 196 -18.16 -6.10 -0.86
N PRO A 197 -19.48 -6.34 -0.93
CA PRO A 197 -20.45 -5.56 -0.15
C PRO A 197 -20.14 -5.44 1.35
N ASP A 198 -19.58 -6.49 1.94
CA ASP A 198 -19.18 -6.44 3.36
C ASP A 198 -18.08 -5.42 3.59
N VAL A 199 -17.14 -5.35 2.63
CA VAL A 199 -16.02 -4.42 2.69
C VAL A 199 -16.50 -2.99 2.50
N ILE A 200 -17.36 -2.76 1.50
CA ILE A 200 -17.97 -1.45 1.28
C ILE A 200 -18.66 -0.95 2.55
N GLU A 201 -19.45 -1.82 3.18
CA GLU A 201 -20.14 -1.51 4.43
C GLU A 201 -19.16 -1.11 5.54
N LYS A 202 -18.09 -1.89 5.70
CA LYS A 202 -17.06 -1.62 6.69
C LYS A 202 -16.39 -0.27 6.42
N LEU A 203 -16.01 -0.03 5.17
CA LEU A 203 -15.38 1.22 4.78
C LEU A 203 -16.29 2.42 5.06
N GLU A 204 -17.58 2.26 4.76
CA GLU A 204 -18.55 3.32 5.05
C GLU A 204 -18.65 3.64 6.56
N ARG A 205 -18.64 2.60 7.39
CA ARG A 205 -18.62 2.75 8.85
C ARG A 205 -17.37 3.46 9.36
N LEU A 206 -16.21 3.02 8.87
CA LEU A 206 -14.94 3.67 9.19
C LEU A 206 -14.97 5.15 8.79
N GLN A 207 -15.48 5.43 7.59
CA GLN A 207 -15.53 6.80 7.05
C GLN A 207 -16.45 7.72 7.87
N LEU A 208 -17.56 7.18 8.36
CA LEU A 208 -18.44 7.91 9.30
C LEU A 208 -17.67 8.43 10.51
N ARG A 209 -16.84 7.54 11.10
CA ARG A 209 -16.07 7.87 12.29
C ARG A 209 -14.85 8.73 11.99
N PHE A 210 -14.13 8.36 10.93
CA PHE A 210 -12.77 8.87 10.71
C PHE A 210 -12.60 9.80 9.51
N GLY A 211 -13.63 9.92 8.68
CA GLY A 211 -13.54 10.67 7.44
C GLY A 211 -12.74 9.91 6.39
N GLY A 212 -12.10 10.65 5.50
CA GLY A 212 -11.26 10.02 4.50
C GLY A 212 -12.05 9.47 3.32
N GLY A 213 -11.36 8.67 2.51
CA GLY A 213 -11.93 8.17 1.27
C GLY A 213 -11.06 7.06 0.71
N ILE A 214 -11.41 6.59 -0.47
CA ILE A 214 -10.72 5.45 -1.09
C ILE A 214 -10.18 5.84 -2.47
N VAL A 215 -8.99 5.34 -2.79
CA VAL A 215 -8.34 5.71 -4.05
C VAL A 215 -7.59 4.54 -4.68
N ARG A 216 -7.62 4.51 -6.01
CA ARG A 216 -6.86 3.55 -6.78
C ARG A 216 -5.50 4.14 -7.12
N VAL A 217 -4.44 3.42 -6.75
CA VAL A 217 -3.07 3.86 -7.04
C VAL A 217 -2.68 3.25 -8.40
N PRO A 218 -2.24 4.10 -9.35
CA PRO A 218 -1.94 3.67 -10.72
C PRO A 218 -0.82 2.63 -10.87
N PHE A 219 -0.01 2.47 -9.82
CA PHE A 219 1.07 1.49 -9.81
C PHE A 219 0.59 0.08 -9.49
N SER A 220 -0.67 -0.04 -9.09
CA SER A 220 -1.27 -1.34 -8.89
C SER A 220 -1.46 -2.03 -10.25
N ARG A 221 -1.15 -3.32 -10.33
CA ARG A 221 -1.39 -4.09 -11.54
C ARG A 221 -2.90 -4.28 -11.78
N ASN A 222 -3.29 -4.51 -13.03
CA ASN A 222 -4.71 -4.74 -13.34
C ASN A 222 -5.21 -6.10 -12.82
N SER A 223 -4.28 -6.92 -12.32
CA SER A 223 -4.59 -8.24 -11.74
C SER A 223 -5.03 -8.17 -10.27
N THR A 224 -5.03 -6.97 -9.70
CA THR A 224 -5.57 -6.78 -8.36
C THR A 224 -6.56 -5.61 -8.34
N HIS A 225 -7.60 -5.72 -7.50
CA HIS A 225 -8.57 -4.63 -7.33
C HIS A 225 -8.21 -3.74 -6.14
N GLU A 226 -7.00 -3.92 -5.59
CA GLU A 226 -6.60 -3.21 -4.37
C GLU A 226 -6.79 -1.69 -4.51
N MET A 227 -7.25 -1.08 -3.42
CA MET A 227 -7.37 0.37 -3.33
C MET A 227 -6.92 0.76 -1.93
N TYR A 228 -6.70 2.05 -1.70
CA TYR A 228 -6.19 2.49 -0.40
C TYR A 228 -7.16 3.42 0.30
N TYR A 229 -7.46 3.08 1.55
CA TYR A 229 -8.30 3.92 2.39
C TYR A 229 -7.41 4.96 3.05
N ILE A 230 -7.66 6.23 2.74
CA ILE A 230 -6.74 7.30 3.10
C ILE A 230 -7.43 8.43 3.85
N SER A 231 -6.65 9.25 4.55
CA SER A 231 -7.18 10.31 5.41
C SER A 231 -7.33 11.65 4.73
N GLY A 232 -6.58 11.87 3.65
CA GLY A 232 -6.40 13.22 3.09
C GLY A 232 -7.42 13.68 2.06
N ALA A 233 -8.36 12.80 1.72
CA ALA A 233 -9.43 13.18 0.77
C ALA A 233 -10.75 12.55 1.17
N ARG A 234 -11.83 13.30 0.95
CA ARG A 234 -13.17 12.77 1.13
C ARG A 234 -13.78 12.45 -0.22
N ASN A 235 -14.34 11.25 -0.33
CA ASN A 235 -15.05 10.86 -1.55
C ASN A 235 -16.12 9.80 -1.28
N ASN A 236 -16.87 9.45 -2.34
CA ASN A 236 -17.95 8.49 -2.25
C ASN A 236 -17.39 7.09 -2.48
N ILE A 237 -17.40 6.27 -1.43
N ILE A 237 -17.39 6.25 -1.44
CA ILE A 237 -16.76 4.94 -1.46
CA ILE A 237 -16.73 4.94 -1.50
C ILE A 237 -17.26 4.08 -2.63
C ILE A 237 -17.25 4.04 -2.63
N THR A 238 -18.57 3.84 -2.68
CA THR A 238 -19.18 3.02 -3.75
C THR A 238 -18.83 3.55 -5.15
N HIS A 239 -18.98 4.86 -5.34
CA HIS A 239 -18.66 5.47 -6.63
C HIS A 239 -17.19 5.28 -7.04
N MET A 240 -16.27 5.49 -6.09
CA MET A 240 -14.84 5.32 -6.37
C MET A 240 -14.52 3.86 -6.70
N VAL A 241 -15.10 2.93 -5.94
CA VAL A 241 -14.89 1.51 -6.19
C VAL A 241 -15.43 1.10 -7.56
N ASN A 242 -16.68 1.46 -7.85
CA ASN A 242 -17.30 1.15 -9.15
C ASN A 242 -16.56 1.75 -10.35
N THR A 243 -16.02 2.95 -10.17
CA THR A 243 -15.20 3.59 -11.20
C THR A 243 -13.94 2.77 -11.52
N THR A 244 -13.30 2.23 -10.48
CA THR A 244 -12.13 1.38 -10.68
C THR A 244 -12.51 0.05 -11.35
N SER A 245 -13.60 -0.57 -10.88
CA SER A 245 -14.13 -1.79 -11.49
C SER A 245 -14.37 -1.60 -12.99
N ARG A 246 -15.01 -0.48 -13.34
CA ARG A 246 -15.30 -0.17 -14.74
C ARG A 246 -14.03 0.02 -15.56
N SER A 247 -13.06 0.72 -14.97
CA SER A 247 -11.75 0.89 -15.60
C SER A 247 -11.01 -0.43 -15.83
N LEU A 248 -11.03 -1.31 -14.84
CA LEU A 248 -10.39 -2.62 -14.96
C LEU A 248 -11.07 -3.50 -16.01
N LEU A 249 -12.39 -3.40 -16.10
CA LEU A 249 -13.19 -4.14 -17.08
C LEU A 249 -12.94 -3.62 -18.50
N ARG A 250 -12.81 -2.30 -18.63
CA ARG A 250 -12.55 -1.67 -19.92
C ARG A 250 -11.17 -2.06 -20.45
N ARG A 251 -10.16 -2.04 -19.57
CA ARG A 251 -8.81 -2.48 -19.94
C ARG A 251 -8.78 -3.95 -20.36
N MET A 252 -9.66 -4.76 -19.77
CA MET A 252 -9.76 -6.19 -20.12
C MET A 252 -10.31 -6.38 -21.54
N THR A 253 -11.33 -5.61 -21.92
CA THR A 253 -11.90 -5.68 -23.26
C THR A 253 -10.91 -5.22 -24.32
N ARG A 254 -10.10 -4.21 -23.98
CA ARG A 254 -9.13 -3.61 -24.91
C ARG A 254 -7.74 -3.47 -24.27
N PRO A 255 -7.04 -4.60 -24.04
CA PRO A 255 -5.74 -4.57 -23.37
C PRO A 255 -4.58 -4.10 -24.25
N SER A 256 -3.96 -2.98 -23.87
CA SER A 256 -2.85 -2.39 -24.62
C SER A 256 -1.58 -3.22 -24.52
N GLY A 257 -1.41 -3.90 -23.38
CA GLY A 257 -0.21 -4.68 -23.09
C GLY A 257 1.03 -3.83 -22.86
N LYS A 258 0.82 -2.54 -22.59
CA LYS A 258 1.92 -1.59 -22.46
C LYS A 258 1.76 -0.71 -21.20
N ALA A 259 2.78 -0.72 -20.36
CA ALA A 259 2.80 0.10 -19.14
C ALA A 259 3.49 1.44 -19.39
N ILE A 260 3.12 2.45 -18.59
CA ILE A 260 3.80 3.74 -18.57
C ILE A 260 4.95 3.67 -17.56
N ILE A 261 6.17 3.95 -18.02
CA ILE A 261 7.35 3.86 -17.15
C ILE A 261 7.68 5.22 -16.53
N GLU A 262 7.88 5.22 -15.21
CA GLU A 262 8.23 6.41 -14.43
C GLU A 262 9.55 6.18 -13.72
N GLY A 263 10.22 7.26 -13.36
CA GLY A 263 11.43 7.20 -12.53
C GLY A 263 11.13 6.66 -11.14
N ASP A 264 12.08 5.89 -10.61
CA ASP A 264 11.90 5.19 -9.33
C ASP A 264 11.95 6.19 -8.15
N VAL A 265 11.63 5.69 -6.96
CA VAL A 265 11.71 6.49 -5.76
C VAL A 265 13.16 6.51 -5.26
N PHE A 266 13.81 7.67 -5.42
CA PHE A 266 15.15 7.86 -4.92
C PHE A 266 15.13 8.84 -3.78
N LEU A 267 16.02 8.64 -2.81
CA LEU A 267 16.03 9.42 -1.58
C LEU A 267 17.43 9.95 -1.30
N PRO A 268 17.54 11.04 -0.50
CA PRO A 268 18.86 11.40 0.01
C PRO A 268 19.34 10.31 0.98
N THR A 269 20.62 10.32 1.31
CA THR A 269 21.14 9.45 2.37
C THR A 269 21.58 10.27 3.58
N GLY A 270 21.71 9.60 4.73
CA GLY A 270 22.18 10.24 5.94
C GLY A 270 21.21 10.17 7.11
N THR A 271 21.67 10.71 8.24
CA THR A 271 20.89 10.73 9.47
C THR A 271 20.07 12.01 9.58
N ARG A 272 19.07 11.98 10.45
CA ARG A 272 18.29 13.17 10.78
C ARG A 272 18.38 13.47 12.28
N SER A 273 18.30 14.75 12.64
CA SER A 273 18.46 15.20 14.02
C SER A 273 17.16 15.05 14.81
N VAL A 274 16.02 15.37 14.22
CA VAL A 274 14.73 15.36 14.90
C VAL A 274 14.00 14.05 14.67
S SO4 B . -21.58 4.47 -9.48
O1 SO4 B . -22.71 5.34 -9.79
O2 SO4 B . -21.71 3.19 -10.18
O3 SO4 B . -20.34 5.13 -9.90
O4 SO4 B . -21.55 4.22 -8.03
S SO4 C . 11.81 -5.12 -6.42
O1 SO4 C . 11.63 -4.29 -7.61
O2 SO4 C . 11.66 -6.52 -6.79
O3 SO4 C . 13.14 -4.89 -5.86
O4 SO4 C . 10.80 -4.78 -5.42
S SO4 D . 17.69 0.73 10.33
O1 SO4 D . 17.28 1.88 9.54
O2 SO4 D . 16.58 0.34 11.21
O3 SO4 D . 18.04 -0.39 9.46
O4 SO4 D . 18.86 1.08 11.15
S SO4 E . -4.96 -16.31 5.70
O1 SO4 E . -6.18 -16.89 5.13
O2 SO4 E . -4.94 -16.53 7.14
O3 SO4 E . -3.79 -16.94 5.10
O4 SO4 E . -4.93 -14.88 5.43
S SO4 F . 3.12 -4.98 -5.64
O1 SO4 F . 2.24 -4.28 -6.57
O2 SO4 F . 3.49 -6.28 -6.19
O3 SO4 F . 4.33 -4.18 -5.45
O4 SO4 F . 2.43 -5.17 -4.37
N SAM G . 4.69 -1.41 1.93
CA SAM G . 5.75 -2.45 1.86
C SAM G . 6.96 -1.97 1.07
O SAM G . 6.89 -0.90 0.46
OXT SAM G . 8.01 -2.62 1.05
CB SAM G . 5.20 -3.71 1.20
CG SAM G . 4.33 -4.48 2.18
SD SAM G . 3.95 -6.14 1.60
CE SAM G . 2.66 -5.81 0.36
C5' SAM G . 2.93 -6.76 2.97
C4' SAM G . 3.78 -7.30 4.10
O4' SAM G . 2.96 -7.47 5.25
C3' SAM G . 4.39 -8.66 3.78
O3' SAM G . 5.77 -8.62 3.99
C2' SAM G . 3.78 -9.61 4.79
O2' SAM G . 4.72 -10.54 5.27
C1' SAM G . 3.36 -8.67 5.90
N9 SAM G . 2.25 -9.21 6.72
C8 SAM G . 1.15 -9.92 6.31
N7 SAM G . 0.40 -10.22 7.39
C5 SAM G . 1.01 -9.71 8.49
C6 SAM G . 0.68 -9.71 9.84
N6 SAM G . -0.43 -10.32 10.28
N1 SAM G . 1.52 -9.10 10.74
C2 SAM G . 2.67 -8.46 10.32
N3 SAM G . 2.99 -8.47 8.98
C4 SAM G . 2.17 -9.07 8.08
N9A GP3 H . 6.40 -6.30 -10.04
C8A GP3 H . 6.13 -5.20 -9.33
N7A GP3 H . 6.77 -5.26 -8.16
C5A GP3 H . 7.46 -6.39 -8.12
C6A GP3 H . 8.28 -6.96 -7.16
O6A GP3 H . 8.49 -6.37 -6.10
N1A GP3 H . 8.88 -8.21 -7.42
C2A GP3 H . 8.60 -8.85 -8.65
N2A GP3 H . 9.15 -10.03 -8.91
N3A GP3 H . 7.80 -8.26 -9.55
C4A GP3 H . 7.22 -7.07 -9.31
O5D GP3 H . 3.57 -10.09 -11.60
C5D GP3 H . 4.83 -9.98 -12.28
C4D GP3 H . 5.19 -8.51 -12.51
O4D GP3 H . 5.02 -7.78 -11.29
C3D GP3 H . 6.70 -8.40 -12.76
O3D GP3 H . 7.00 -8.66 -14.14
C2D GP3 H . 6.96 -6.93 -12.42
O2D GP3 H . 6.81 -6.10 -13.57
C1D GP3 H . 5.86 -6.60 -11.39
PA GP3 H . 3.53 -10.76 -10.12
O1A GP3 H . 4.11 -12.25 -10.34
O2A GP3 H . 4.34 -9.98 -9.14
O3A GP3 H . 1.98 -10.94 -9.65
PB GP3 H . 0.84 -10.84 -10.79
O1B GP3 H . 0.77 -11.91 -11.79
O2B GP3 H . -0.21 -9.81 -10.65
O3B GP3 H . -0.07 -11.86 -9.85
PG GP3 H . -0.52 -11.79 -8.25
O1G GP3 H . -0.49 -10.24 -7.81
O2G GP3 H . 0.35 -12.65 -7.40
O5E GP3 H . -2.04 -12.32 -8.16
C5E GP3 H . -3.17 -11.48 -8.39
C4E GP3 H . -4.41 -12.28 -8.84
O4E GP3 H . -4.24 -12.47 -10.26
C3E GP3 H . -4.52 -13.71 -8.27
O3E GP3 H . -5.25 -13.70 -7.03
C2E GP3 H . -5.33 -14.42 -9.34
O2E GP3 H . -6.73 -14.09 -9.20
C1E GP3 H . -4.80 -13.77 -10.63
N9B GP3 H . -3.73 -14.54 -11.32
C8B GP3 H . -2.47 -14.72 -10.93
N7B GP3 H . -1.81 -15.46 -11.83
C5B GP3 H . -2.68 -15.75 -12.81
C6B GP3 H . -2.58 -16.47 -14.00
O6B GP3 H . -1.52 -17.02 -14.33
N1B GP3 H . -3.71 -16.58 -14.83
C2B GP3 H . -4.91 -15.95 -14.45
N2B GP3 H . -5.98 -16.03 -15.21
N3B GP3 H . -4.96 -15.27 -13.30
C4B GP3 H . -3.90 -15.15 -12.49
#